data_5HT4
#
_entry.id   5HT4
#
_cell.length_a   85.680
_cell.length_b   85.680
_cell.length_c   77.026
_cell.angle_alpha   90.00
_cell.angle_beta   90.00
_cell.angle_gamma   120.00
#
_symmetry.space_group_name_H-M   'H 3'
#
loop_
_entity.id
_entity.type
_entity.pdbx_description
1 polymer 'Dihydrofolate reductase'
2 non-polymer 7-ethyl-6-[(3-methoxyphenyl)sulfanyl]-5-methyl-7H-pyrrolo[2,3-d]pyrimidine-2,4-diamine
3 non-polymer 'NADPH DIHYDRO-NICOTINAMIDE-ADENINE-DINUCLEOTIDE PHOSPHATE'
4 non-polymer 'SULFATE ION'
5 water water
#
_entity_poly.entity_id   1
_entity_poly.type   'polypeptide(L)'
_entity_poly.pdbx_seq_one_letter_code
;VGSLNCIVAVSQNMGIGKNGDLPWPPLRNEFRYFQRMTTTSSVEGKQNLVIMGKKTWFSIPEKNRPLKGRINLVLSRELK
EPPQGAHFLSRSLDDALKLTEQPELANKVDMVWIVGGSSVYKEAMNHPGHLKLFVTRIMQDFESDTFFPEIDLEKYKLLP
EYPGVLSDVQEEKGIKYKFEVYEKND
;
_entity_poly.pdbx_strand_id   A
#
loop_
_chem_comp.id
_chem_comp.type
_chem_comp.name
_chem_comp.formula
65J non-polymer 7-ethyl-6-[(3-methoxyphenyl)sulfanyl]-5-methyl-7H-pyrrolo[2,3-d]pyrimidine-2,4-diamine 'C16 H19 N5 O S'
NDP non-polymer 'NADPH DIHYDRO-NICOTINAMIDE-ADENINE-DINUCLEOTIDE PHOSPHATE' 'C21 H30 N7 O17 P3'
SO4 non-polymer 'SULFATE ION' 'O4 S -2'
#
# COMPACT_ATOMS: atom_id res chain seq x y z
N VAL A 1 -14.76 7.64 8.12
CA VAL A 1 -13.59 7.08 7.35
C VAL A 1 -14.16 6.12 6.30
N GLY A 2 -13.63 6.12 5.07
CA GLY A 2 -14.13 5.26 3.99
C GLY A 2 -13.41 3.88 3.94
N SER A 3 -13.14 3.43 2.70
CA SER A 3 -12.43 2.17 2.36
C SER A 3 -11.13 1.89 3.05
N LEU A 4 -10.96 0.61 3.41
CA LEU A 4 -9.63 0.09 3.76
C LEU A 4 -9.09 -0.69 2.57
N ASN A 5 -7.84 -0.43 2.23
CA ASN A 5 -7.21 -0.99 1.07
C ASN A 5 -5.74 -1.27 1.33
N CYS A 6 -5.25 -2.32 0.63
CA CYS A 6 -3.80 -2.56 0.51
C CYS A 6 -3.42 -2.23 -0.92
N ILE A 7 -2.21 -1.72 -1.11
CA ILE A 7 -1.69 -1.54 -2.49
C ILE A 7 -0.27 -2.05 -2.45
N VAL A 8 0.11 -2.80 -3.50
CA VAL A 8 1.45 -3.40 -3.56
C VAL A 8 1.83 -3.57 -4.99
N ALA A 9 3.13 -3.66 -5.23
CA ALA A 9 3.63 -4.16 -6.53
C ALA A 9 4.52 -5.40 -6.21
N VAL A 10 4.34 -6.52 -6.92
CA VAL A 10 4.89 -7.81 -6.53
C VAL A 10 5.42 -8.50 -7.79
N SER A 11 6.54 -9.20 -7.64
CA SER A 11 7.05 -10.02 -8.76
C SER A 11 6.37 -11.37 -8.84
N GLN A 12 6.68 -12.11 -9.91
CA GLN A 12 6.14 -13.42 -10.10
C GLN A 12 6.42 -14.39 -8.93
N ASN A 13 7.61 -14.27 -8.34
CA ASN A 13 7.92 -15.06 -7.15
C ASN A 13 7.57 -14.32 -5.89
N MET A 14 6.59 -13.42 -5.97
CA MET A 14 6.00 -12.78 -4.76
C MET A 14 6.92 -11.79 -4.06
N GLY A 15 7.89 -11.29 -4.78
CA GLY A 15 8.86 -10.36 -4.22
C GLY A 15 8.37 -8.91 -4.18
N ILE A 16 8.58 -8.25 -3.02
CA ILE A 16 8.27 -6.83 -2.88
C ILE A 16 9.44 -5.89 -2.59
N GLY A 17 10.54 -6.44 -2.14
CA GLY A 17 11.69 -5.61 -1.81
C GLY A 17 13.00 -6.40 -1.86
N LYS A 18 14.11 -5.69 -1.93
CA LYS A 18 15.39 -6.31 -1.81
C LYS A 18 16.35 -5.24 -1.30
N ASN A 19 17.03 -5.51 -0.18
CA ASN A 19 18.01 -4.54 0.37
C ASN A 19 17.44 -3.14 0.53
N GLY A 20 16.16 -3.09 0.93
CA GLY A 20 15.45 -1.80 1.24
C GLY A 20 15.04 -0.99 0.02
N ASP A 21 15.05 -1.66 -1.14
CA ASP A 21 14.67 -1.01 -2.39
C ASP A 21 13.68 -1.97 -3.11
N LEU A 22 13.15 -1.55 -4.24
CA LEU A 22 12.38 -2.46 -5.07
C LEU A 22 13.29 -3.50 -5.74
N PRO A 23 12.78 -4.73 -5.92
CA PRO A 23 13.56 -5.73 -6.66
C PRO A 23 13.85 -5.36 -8.11
N TRP A 24 13.05 -4.48 -8.71
CA TRP A 24 13.16 -4.17 -10.17
C TRP A 24 13.61 -2.77 -10.25
N PRO A 25 14.13 -2.37 -11.42
CA PRO A 25 14.47 -0.98 -11.62
C PRO A 25 13.22 -0.12 -11.64
N PRO A 26 13.38 1.17 -11.38
CA PRO A 26 12.19 1.98 -11.19
C PRO A 26 11.28 1.92 -12.44
N LEU A 27 9.97 1.85 -12.23
CA LEU A 27 8.99 1.90 -13.31
C LEU A 27 8.18 3.17 -13.12
N ARG A 28 8.31 4.08 -14.09
CA ARG A 28 7.73 5.43 -14.00
C ARG A 28 6.21 5.45 -13.83
N ASN A 29 5.51 4.63 -14.60
CA ASN A 29 4.07 4.68 -14.62
C ASN A 29 3.50 3.93 -13.41
N GLU A 30 4.29 2.98 -12.89
CA GLU A 30 3.89 2.28 -11.68
C GLU A 30 3.93 3.25 -10.49
N PHE A 31 5.01 4.04 -10.42
CA PHE A 31 5.07 5.10 -9.43
C PHE A 31 3.91 6.09 -9.57
N ARG A 32 3.63 6.57 -10.78
CA ARG A 32 2.48 7.42 -11.09
C ARG A 32 1.14 6.84 -10.65
N TYR A 33 0.95 5.56 -10.97
CA TYR A 33 -0.25 4.85 -10.57
C TYR A 33 -0.34 4.74 -9.05
N PHE A 34 0.77 4.36 -8.39
CA PHE A 34 0.71 4.32 -6.93
C PHE A 34 0.31 5.65 -6.29
N GLN A 35 0.94 6.72 -6.80
CA GLN A 35 0.67 8.10 -6.40
C GLN A 35 -0.78 8.46 -6.60
N ARG A 36 -1.28 8.25 -7.83
CA ARG A 36 -2.66 8.56 -8.25
C ARG A 36 -3.65 7.81 -7.35
N MET A 37 -3.46 6.49 -7.18
CA MET A 37 -4.44 5.66 -6.41
C MET A 37 -4.50 6.06 -4.91
N THR A 38 -3.34 6.26 -4.26
CA THR A 38 -3.33 6.57 -2.86
C THR A 38 -3.75 8.02 -2.56
N THR A 39 -3.49 8.96 -3.49
CA THR A 39 -3.82 10.39 -3.28
C THR A 39 -5.29 10.71 -3.55
N THR A 40 -5.88 10.05 -4.55
CA THR A 40 -7.20 10.45 -5.05
C THR A 40 -8.29 10.10 -4.02
N SER A 41 -8.94 11.13 -3.48
CA SER A 41 -10.07 10.98 -2.59
C SER A 41 -11.34 10.80 -3.46
N SER A 42 -12.45 10.40 -2.86
CA SER A 42 -13.73 10.60 -3.56
C SER A 42 -14.70 11.35 -2.64
N VAL A 43 -14.15 12.08 -1.67
CA VAL A 43 -14.91 12.84 -0.65
C VAL A 43 -14.32 14.24 -0.37
N GLU A 44 -14.75 15.23 -1.16
CA GLU A 44 -14.44 16.67 -0.97
C GLU A 44 -14.09 17.09 0.46
N GLY A 45 -12.92 17.72 0.62
CA GLY A 45 -12.44 18.17 1.93
C GLY A 45 -11.88 17.10 2.83
N LYS A 46 -11.63 15.92 2.26
CA LYS A 46 -10.99 14.88 3.01
C LYS A 46 -9.72 14.47 2.30
N GLN A 47 -8.84 13.81 3.05
CA GLN A 47 -7.58 13.30 2.54
C GLN A 47 -7.49 11.78 2.80
N ASN A 48 -6.86 11.04 1.88
CA ASN A 48 -6.52 9.63 2.22
C ASN A 48 -5.33 9.55 3.22
N LEU A 49 -5.34 8.52 4.05
CA LEU A 49 -4.30 8.23 5.07
C LEU A 49 -3.48 7.08 4.52
N VAL A 50 -2.15 7.14 4.61
CA VAL A 50 -1.33 5.97 4.14
C VAL A 50 -0.69 5.42 5.38
N ILE A 51 -0.71 4.08 5.58
CA ILE A 51 -0.18 3.45 6.79
C ILE A 51 0.99 2.58 6.28
N MET A 52 2.18 2.72 6.89
CA MET A 52 3.30 1.87 6.38
C MET A 52 4.17 1.53 7.54
N GLY A 53 4.86 0.41 7.46
CA GLY A 53 5.87 0.10 8.45
C GLY A 53 7.14 0.99 8.33
N LYS A 54 7.99 0.85 9.33
CA LYS A 54 9.13 1.75 9.50
C LYS A 54 10.09 1.55 8.32
N LYS A 55 10.33 0.29 8.00
CA LYS A 55 11.26 0.01 6.89
C LYS A 55 10.78 0.58 5.58
N THR A 56 9.46 0.45 5.36
CA THR A 56 8.84 1.10 4.20
C THR A 56 9.01 2.64 4.10
N TRP A 57 8.76 3.30 5.23
CA TRP A 57 9.02 4.70 5.25
C TRP A 57 10.47 5.07 4.78
N PHE A 58 11.43 4.40 5.39
CA PHE A 58 12.81 4.81 5.17
C PHE A 58 13.23 4.30 3.78
N SER A 59 12.41 3.47 3.15
CA SER A 59 12.72 2.98 1.79
C SER A 59 12.31 3.96 0.74
N ILE A 60 11.45 4.90 1.10
CA ILE A 60 11.09 5.97 0.21
C ILE A 60 12.17 7.05 0.25
N PRO A 61 12.60 7.52 -0.94
CA PRO A 61 13.62 8.59 -0.98
C PRO A 61 13.15 9.81 -0.18
N GLU A 62 14.03 10.31 0.68
CA GLU A 62 13.73 11.43 1.56
C GLU A 62 13.02 12.60 0.80
N LYS A 63 13.42 12.82 -0.43
CA LYS A 63 12.84 13.88 -1.24
C LYS A 63 11.38 13.57 -1.48
N ASN A 64 11.04 12.29 -1.49
CA ASN A 64 9.66 11.90 -1.80
C ASN A 64 8.78 11.73 -0.59
N ARG A 65 9.30 12.05 0.61
CA ARG A 65 8.66 11.90 1.93
C ARG A 65 8.37 13.30 2.49
N PRO A 66 7.21 13.52 3.13
CA PRO A 66 6.10 12.54 3.21
C PRO A 66 5.46 12.41 1.85
N LEU A 67 4.72 11.33 1.68
CA LEU A 67 3.88 11.23 0.47
C LEU A 67 2.88 12.40 0.47
N LYS A 68 2.99 13.27 -0.50
CA LYS A 68 2.29 14.56 -0.34
C LYS A 68 0.81 14.42 -0.64
N GLY A 69 0.01 15.26 0.06
CA GLY A 69 -1.44 15.31 -0.16
C GLY A 69 -2.16 14.13 0.48
N ARG A 70 -1.40 13.34 1.24
CA ARG A 70 -1.86 12.23 2.06
C ARG A 70 -1.32 12.38 3.43
N ILE A 71 -2.09 11.91 4.40
CA ILE A 71 -1.71 11.88 5.80
C ILE A 71 -0.81 10.66 5.96
N ASN A 72 0.39 10.90 6.47
CA ASN A 72 1.39 9.85 6.53
C ASN A 72 1.54 9.30 7.92
N LEU A 73 1.28 8.00 8.09
CA LEU A 73 1.31 7.34 9.36
C LEU A 73 2.24 6.16 9.31
N VAL A 74 3.20 6.16 10.22
CA VAL A 74 4.18 5.11 10.30
C VAL A 74 3.99 4.19 11.48
N LEU A 75 4.15 2.87 11.29
CA LEU A 75 4.01 1.87 12.31
C LEU A 75 5.34 1.50 12.89
N SER A 76 5.47 1.61 14.22
CA SER A 76 6.72 1.20 14.91
C SER A 76 6.52 1.10 16.42
N ARG A 77 7.12 0.10 17.03
CA ARG A 77 7.15 -0.01 18.52
C ARG A 77 8.43 0.55 19.13
N GLU A 78 9.45 0.73 18.30
CA GLU A 78 10.73 1.29 18.78
C GLU A 78 10.77 2.80 18.74
N LEU A 79 10.26 3.42 17.67
CA LEU A 79 10.28 4.85 17.60
C LEU A 79 9.45 5.47 18.77
N LYS A 80 9.90 6.61 19.30
CA LYS A 80 9.06 7.33 20.31
C LYS A 80 8.23 8.50 19.72
N GLU A 81 8.51 8.90 18.48
CA GLU A 81 7.74 9.92 17.80
C GLU A 81 7.75 9.62 16.30
N PRO A 82 6.87 10.31 15.50
CA PRO A 82 6.93 10.20 14.04
C PRO A 82 8.33 10.59 13.51
N PRO A 83 8.87 9.84 12.55
CA PRO A 83 10.08 10.25 11.85
C PRO A 83 9.96 11.68 11.29
N GLN A 84 11.09 12.40 11.17
CA GLN A 84 11.16 13.61 10.38
C GLN A 84 10.31 13.51 9.13
N GLY A 85 9.34 14.43 8.97
CA GLY A 85 8.47 14.46 7.82
C GLY A 85 7.17 13.68 7.91
N ALA A 86 7.09 12.74 8.81
CA ALA A 86 5.90 11.96 8.97
C ALA A 86 4.93 12.73 9.82
N HIS A 87 3.66 12.30 9.79
CA HIS A 87 2.59 12.96 10.56
C HIS A 87 2.18 12.26 11.81
N PHE A 88 2.02 10.98 11.74
CA PHE A 88 1.58 10.20 12.88
C PHE A 88 2.43 9.00 13.07
N LEU A 89 2.41 8.48 14.29
CA LEU A 89 3.09 7.23 14.66
C LEU A 89 2.13 6.33 15.43
N SER A 90 2.00 5.06 15.07
CA SER A 90 1.24 4.12 15.90
C SER A 90 1.98 2.85 16.15
N ARG A 91 1.59 2.18 17.23
CA ARG A 91 2.35 1.03 17.70
C ARG A 91 1.80 -0.28 17.15
N SER A 92 0.69 -0.20 16.42
CA SER A 92 0.15 -1.41 15.75
C SER A 92 -0.87 -1.05 14.67
N LEU A 93 -1.21 -1.99 13.78
CA LEU A 93 -2.29 -1.68 12.83
C LEU A 93 -3.65 -1.34 13.53
N ASP A 94 -4.03 -2.14 14.52
CA ASP A 94 -5.25 -1.86 15.28
C ASP A 94 -5.28 -0.44 15.80
N ASP A 95 -4.19 -0.03 16.46
CA ASP A 95 -4.05 1.29 17.06
C ASP A 95 -4.17 2.31 15.96
N ALA A 96 -3.55 2.03 14.82
CA ALA A 96 -3.65 3.02 13.76
C ALA A 96 -5.09 3.23 13.33
N LEU A 97 -5.81 2.12 13.24
CA LEU A 97 -7.19 2.11 12.78
C LEU A 97 -8.07 2.64 13.90
N LYS A 98 -7.82 2.21 15.14
CA LYS A 98 -8.46 2.84 16.32
C LYS A 98 -8.30 4.36 16.23
N LEU A 99 -7.11 4.80 15.82
CA LEU A 99 -6.72 6.24 15.79
C LEU A 99 -7.53 7.06 14.79
N THR A 100 -8.00 6.41 13.72
CA THR A 100 -8.88 7.05 12.74
C THR A 100 -10.26 7.39 13.31
N GLU A 101 -10.64 6.74 14.42
CA GLU A 101 -11.95 6.97 15.04
C GLU A 101 -11.92 8.06 16.12
N GLN A 102 -10.83 8.82 16.20
CA GLN A 102 -10.71 9.88 17.20
C GLN A 102 -11.30 11.20 16.72
N PRO A 103 -11.68 12.08 17.67
CA PRO A 103 -12.35 13.30 17.19
C PRO A 103 -11.50 13.98 16.09
N GLU A 104 -10.18 14.10 16.34
CA GLU A 104 -9.20 14.58 15.35
C GLU A 104 -9.35 14.03 13.90
N LEU A 105 -8.99 12.76 13.71
CA LEU A 105 -8.93 12.15 12.37
C LEU A 105 -10.26 11.80 11.71
N ALA A 106 -11.20 11.27 12.51
CA ALA A 106 -12.51 10.76 12.06
C ALA A 106 -13.14 11.46 10.84
N ASN A 107 -13.16 12.79 10.88
CA ASN A 107 -13.79 13.56 9.82
C ASN A 107 -12.85 14.10 8.75
N LYS A 108 -11.55 13.84 8.86
CA LYS A 108 -10.54 14.33 7.89
C LYS A 108 -10.12 13.28 6.84
N VAL A 109 -10.31 12.02 7.20
CA VAL A 109 -9.77 10.82 6.47
C VAL A 109 -10.87 10.19 5.57
N ASP A 110 -10.73 10.25 4.24
CA ASP A 110 -11.45 9.34 3.29
C ASP A 110 -10.92 7.85 3.26
N MET A 111 -10.11 7.48 2.28
CA MET A 111 -9.64 6.08 2.18
C MET A 111 -8.40 5.87 3.05
N VAL A 112 -8.25 4.63 3.52
CA VAL A 112 -6.97 4.24 4.13
C VAL A 112 -6.26 3.19 3.28
N TRP A 113 -4.98 3.48 2.98
CA TRP A 113 -4.15 2.69 2.09
C TRP A 113 -2.97 2.11 2.84
N ILE A 114 -2.93 0.78 2.97
CA ILE A 114 -1.74 0.16 3.59
C ILE A 114 -0.75 -0.02 2.43
N VAL A 115 0.46 0.53 2.60
CA VAL A 115 1.43 0.61 1.51
C VAL A 115 2.66 -0.30 1.80
N GLY A 116 2.57 -1.15 2.81
CA GLY A 116 3.55 -2.27 3.13
C GLY A 116 4.17 -1.99 4.48
N GLY A 117 5.01 -2.85 5.00
CA GLY A 117 5.57 -4.01 4.34
C GLY A 117 4.90 -5.29 4.63
N SER A 118 5.63 -6.43 4.56
CA SER A 118 4.99 -7.76 4.57
C SER A 118 4.10 -8.00 5.77
N SER A 119 4.58 -7.63 6.96
CA SER A 119 3.84 -7.94 8.18
C SER A 119 2.51 -7.20 8.31
N VAL A 120 2.52 -5.94 7.89
CA VAL A 120 1.37 -5.04 7.84
C VAL A 120 0.37 -5.65 6.85
N TYR A 121 0.79 -5.97 5.64
CA TYR A 121 -0.08 -6.61 4.66
C TYR A 121 -0.68 -7.88 5.21
N LYS A 122 0.16 -8.75 5.78
CA LYS A 122 -0.32 -10.02 6.33
C LYS A 122 -1.48 -9.85 7.33
N GLU A 123 -1.29 -8.93 8.32
CA GLU A 123 -2.28 -8.74 9.36
C GLU A 123 -3.55 -8.18 8.75
N ALA A 124 -3.41 -7.24 7.85
CA ALA A 124 -4.63 -6.65 7.24
C ALA A 124 -5.37 -7.76 6.47
N MET A 125 -4.63 -8.54 5.67
CA MET A 125 -5.25 -9.57 4.78
C MET A 125 -6.04 -10.69 5.42
N ASN A 126 -5.75 -10.89 6.71
CA ASN A 126 -6.22 -12.04 7.49
C ASN A 126 -7.26 -11.58 8.53
N HIS A 127 -7.57 -10.29 8.51
CA HIS A 127 -8.43 -9.69 9.52
C HIS A 127 -9.78 -9.69 8.91
N PRO A 128 -10.83 -10.00 9.69
CA PRO A 128 -12.15 -9.99 9.02
C PRO A 128 -12.62 -8.59 8.57
N GLY A 129 -13.37 -8.56 7.51
CA GLY A 129 -13.89 -7.30 7.10
C GLY A 129 -13.81 -7.05 5.60
N HIS A 130 -14.18 -5.83 5.18
CA HIS A 130 -14.20 -5.47 3.77
C HIS A 130 -12.85 -4.89 3.47
N LEU A 131 -12.16 -5.49 2.48
CA LEU A 131 -10.78 -5.10 2.15
C LEU A 131 -10.59 -5.31 0.64
N LYS A 132 -9.99 -4.30 -0.01
CA LYS A 132 -9.47 -4.50 -1.38
C LYS A 132 -7.95 -4.54 -1.41
N LEU A 133 -7.40 -5.35 -2.33
CA LEU A 133 -6.00 -5.32 -2.61
C LEU A 133 -5.80 -4.81 -4.01
N PHE A 134 -5.06 -3.75 -4.10
CA PHE A 134 -4.60 -3.20 -5.42
C PHE A 134 -3.19 -3.79 -5.71
N VAL A 135 -3.12 -4.75 -6.63
CA VAL A 135 -1.92 -5.57 -6.83
C VAL A 135 -1.41 -5.24 -8.23
N THR A 136 -0.19 -4.76 -8.29
CA THR A 136 0.52 -4.63 -9.58
C THR A 136 1.38 -5.92 -9.73
N ARG A 137 1.14 -6.65 -10.85
CA ARG A 137 1.81 -7.91 -11.12
C ARG A 137 3.01 -7.56 -12.00
N ILE A 138 4.22 -7.69 -11.43
CA ILE A 138 5.45 -7.49 -12.17
C ILE A 138 5.71 -8.86 -12.76
N MET A 139 5.65 -8.94 -14.08
CA MET A 139 5.50 -10.25 -14.75
C MET A 139 6.84 -10.96 -15.05
N GLN A 140 7.73 -10.99 -14.05
CA GLN A 140 9.00 -11.72 -14.11
C GLN A 140 9.40 -12.09 -12.71
N ASP A 141 10.37 -12.98 -12.60
CA ASP A 141 10.95 -13.24 -11.30
C ASP A 141 12.00 -12.20 -11.06
N PHE A 142 12.10 -11.75 -9.80
CA PHE A 142 13.19 -10.84 -9.38
C PHE A 142 13.68 -11.30 -8.02
N GLU A 143 15.01 -11.17 -7.82
N GLU A 143 14.99 -11.28 -7.82
CA GLU A 143 15.70 -11.55 -6.58
CA GLU A 143 15.57 -11.75 -6.58
C GLU A 143 15.11 -10.67 -5.51
C GLU A 143 15.17 -10.75 -5.52
N SER A 144 14.60 -11.28 -4.44
CA SER A 144 13.89 -10.51 -3.37
C SER A 144 14.20 -11.03 -1.99
N ASP A 145 14.11 -10.14 -0.99
CA ASP A 145 14.38 -10.59 0.37
C ASP A 145 13.16 -10.34 1.28
N THR A 146 12.10 -9.78 0.70
N THR A 146 12.07 -9.88 0.66
CA THR A 146 10.84 -9.67 1.44
CA THR A 146 10.84 -9.53 1.34
C THR A 146 9.67 -9.82 0.45
C THR A 146 9.72 -9.96 0.40
N PHE A 147 8.63 -10.53 0.89
CA PHE A 147 7.60 -11.13 0.00
C PHE A 147 6.20 -10.71 0.44
N PHE A 148 5.31 -10.66 -0.55
CA PHE A 148 3.89 -10.45 -0.30
C PHE A 148 3.23 -11.70 0.24
N PRO A 149 2.39 -11.56 1.24
CA PRO A 149 1.75 -12.77 1.72
C PRO A 149 0.83 -13.43 0.71
N GLU A 150 0.51 -14.73 0.97
CA GLU A 150 -0.46 -15.48 0.14
C GLU A 150 -1.78 -14.73 0.03
N ILE A 151 -2.25 -14.56 -1.21
CA ILE A 151 -3.66 -14.26 -1.45
C ILE A 151 -4.56 -15.51 -1.57
N ASP A 152 -5.43 -15.64 -0.60
CA ASP A 152 -6.45 -16.70 -0.56
C ASP A 152 -7.60 -16.36 -1.52
N LEU A 153 -7.56 -16.99 -2.71
CA LEU A 153 -8.57 -16.72 -3.78
C LEU A 153 -9.96 -17.32 -3.45
N GLU A 154 -10.04 -18.07 -2.34
CA GLU A 154 -11.36 -18.50 -1.84
C GLU A 154 -12.08 -17.27 -1.24
N LYS A 155 -11.33 -16.33 -0.66
CA LYS A 155 -11.99 -15.18 -0.13
C LYS A 155 -11.77 -13.94 -0.98
N TYR A 156 -10.61 -13.82 -1.61
CA TYR A 156 -10.32 -12.60 -2.45
C TYR A 156 -10.66 -12.78 -3.95
N LYS A 157 -11.72 -12.11 -4.40
CA LYS A 157 -12.09 -12.17 -5.83
C LYS A 157 -11.40 -11.14 -6.67
N LEU A 158 -10.73 -11.62 -7.74
CA LEU A 158 -10.14 -10.78 -8.73
C LEU A 158 -11.32 -10.10 -9.47
N LEU A 159 -11.32 -8.77 -9.52
CA LEU A 159 -12.42 -7.98 -10.15
C LEU A 159 -12.14 -8.01 -11.63
N PRO A 160 -13.19 -8.15 -12.46
CA PRO A 160 -12.98 -8.08 -13.91
C PRO A 160 -12.73 -6.74 -14.54
N GLU A 161 -12.89 -5.66 -13.79
CA GLU A 161 -12.62 -4.34 -14.22
C GLU A 161 -12.73 -3.46 -12.99
N TYR A 162 -12.12 -2.31 -13.04
CA TYR A 162 -12.27 -1.36 -11.94
C TYR A 162 -11.97 0.04 -12.47
N PRO A 163 -12.84 1.01 -12.14
CA PRO A 163 -12.71 2.35 -12.74
C PRO A 163 -11.40 3.01 -12.41
N GLY A 164 -10.78 3.54 -13.46
CA GLY A 164 -9.53 4.26 -13.28
C GLY A 164 -8.35 3.35 -13.02
N VAL A 165 -8.45 2.09 -13.44
CA VAL A 165 -7.34 1.09 -13.40
C VAL A 165 -7.24 0.41 -14.80
N LEU A 166 -6.11 0.51 -15.53
CA LEU A 166 -6.00 -0.23 -16.84
C LEU A 166 -6.01 -1.77 -16.85
N SER A 167 -6.52 -2.47 -17.89
CA SER A 167 -6.66 -3.97 -17.79
C SER A 167 -5.66 -4.79 -18.64
N ASP A 168 -4.98 -4.05 -19.51
CA ASP A 168 -4.03 -4.61 -20.42
C ASP A 168 -2.64 -4.50 -19.80
N VAL A 169 -1.75 -5.14 -20.47
CA VAL A 169 -0.38 -5.19 -20.01
C VAL A 169 0.33 -3.90 -20.35
N GLN A 170 1.23 -3.50 -19.45
CA GLN A 170 2.07 -2.34 -19.59
C GLN A 170 3.47 -2.87 -19.67
N GLU A 171 4.35 -2.02 -20.14
CA GLU A 171 5.74 -2.43 -20.27
C GLU A 171 6.63 -1.24 -20.14
N GLU A 172 7.58 -1.32 -19.23
CA GLU A 172 8.65 -0.34 -19.19
C GLU A 172 9.96 -1.03 -18.98
N LYS A 173 10.97 -0.53 -19.71
CA LYS A 173 12.35 -0.96 -19.53
C LYS A 173 12.41 -2.48 -19.75
N GLY A 174 11.62 -2.96 -20.72
CA GLY A 174 11.56 -4.44 -20.99
C GLY A 174 10.82 -5.33 -19.99
N ILE A 175 10.14 -4.69 -19.02
CA ILE A 175 9.47 -5.42 -17.93
C ILE A 175 7.96 -5.25 -18.12
N LYS A 176 7.26 -6.33 -18.42
CA LYS A 176 5.81 -6.32 -18.54
C LYS A 176 5.19 -6.37 -17.14
N TYR A 177 4.13 -5.59 -16.96
CA TYR A 177 3.37 -5.63 -15.70
C TYR A 177 1.89 -5.27 -15.96
N LYS A 178 1.00 -5.73 -15.06
CA LYS A 178 -0.48 -5.52 -15.17
C LYS A 178 -1.05 -5.02 -13.79
N PHE A 179 -2.14 -4.25 -13.81
CA PHE A 179 -2.84 -3.88 -12.60
C PHE A 179 -4.03 -4.84 -12.35
N GLU A 180 -4.24 -5.14 -11.07
CA GLU A 180 -5.30 -6.00 -10.58
C GLU A 180 -5.90 -5.40 -9.31
N VAL A 181 -7.20 -5.68 -9.15
CA VAL A 181 -7.97 -5.34 -7.94
C VAL A 181 -8.66 -6.57 -7.42
N TYR A 182 -8.43 -6.92 -6.13
CA TYR A 182 -9.07 -8.04 -5.48
C TYR A 182 -9.91 -7.43 -4.36
N GLU A 183 -11.05 -8.08 -4.15
CA GLU A 183 -11.96 -7.76 -3.04
C GLU A 183 -12.35 -8.97 -2.16
N LYS A 184 -12.33 -8.77 -0.86
CA LYS A 184 -12.96 -9.72 0.07
C LYS A 184 -13.97 -9.00 0.92
N ASN A 185 -14.98 -9.73 1.39
CA ASN A 185 -15.84 -9.15 2.43
C ASN A 185 -16.25 -10.31 3.32
N ASP A 186 -15.69 -10.33 4.53
CA ASP A 186 -15.92 -11.50 5.44
C ASP A 186 -15.86 -11.07 6.91
C4 65J B . 4.79 0.88 -4.80
C5 65J B . 4.47 0.72 -3.47
C6 65J B . 3.24 0.11 -3.16
N1 65J B . 2.42 -0.35 -4.12
N3 65J B . 3.94 0.42 -5.79
CAA 65J B . 6.15 3.08 -6.98
CAJ 65J B . 6.74 1.88 -6.19
NAW 65J B . 6.00 1.50 -4.95
C2 65J B . 2.78 -0.18 -5.44
NAD 65J B . 1.97 -0.64 -6.44
NAE 65J B . 2.85 -0.05 -1.87
CAS 65J B . 5.53 1.29 -2.78
CAC 65J B . 5.77 1.54 -1.23
CAT 65J B . 6.43 1.77 -3.70
SAN 65J B . 8.20 2.67 -3.24
CAQ 65J B . 7.87 4.36 -3.47
CAI 65J B . 8.83 5.27 -4.04
CAH 65J B . 6.65 4.85 -3.03
CAF 65J B . 6.36 6.20 -3.24
CAG 65J B . 7.29 7.10 -3.82
CAO 65J B . 8.51 6.64 -4.24
OAM 65J B . 9.39 7.56 -4.84
CAB 65J B . 10.54 6.97 -5.51
PA NDP C . 8.10 -3.14 7.14
O1A NDP C . 7.04 -4.11 7.48
O2A NDP C . 7.83 -1.89 6.41
O5B NDP C . 8.83 -2.66 8.45
C5B NDP C . 9.24 -3.49 9.47
C4B NDP C . 9.18 -2.62 10.71
O4B NDP C . 7.94 -1.85 10.83
C3B NDP C . 9.19 -3.58 11.82
O3B NDP C . 10.64 -3.73 12.03
C2B NDP C . 8.41 -2.86 12.94
O2B NDP C . 9.17 -1.91 13.57
C1B NDP C . 7.39 -2.02 12.14
N9A NDP C . 6.10 -2.68 11.89
C8A NDP C . 5.61 -3.36 10.86
N7A NDP C . 4.32 -3.68 11.23
C5A NDP C . 4.02 -3.15 12.39
C6A NDP C . 2.94 -3.13 13.16
N6A NDP C . 1.80 -3.77 12.78
N1A NDP C . 3.00 -2.47 14.34
C2A NDP C . 4.18 -1.84 14.75
N3A NDP C . 5.31 -1.87 13.94
C4A NDP C . 5.16 -2.53 12.80
O3 NDP C . 9.34 -3.74 6.32
PN NDP C . 9.49 -4.94 5.26
O1N NDP C . 8.40 -5.92 5.23
O2N NDP C . 10.85 -5.43 5.58
O5D NDP C . 9.35 -3.98 3.95
C5D NDP C . 10.37 -3.20 3.39
C4D NDP C . 10.79 -3.82 2.02
O4D NDP C . 9.68 -3.98 1.00
C3D NDP C . 11.63 -2.80 1.44
O3D NDP C . 12.57 -3.45 0.58
C2D NDP C . 10.70 -1.84 0.68
O2D NDP C . 11.38 -1.30 -0.48
C1D NDP C . 9.72 -2.84 0.07
N1N NDP C . 8.29 -2.48 -0.14
C2N NDP C . 7.74 -2.81 -1.42
C3N NDP C . 6.41 -2.59 -1.75
C7N NDP C . 5.89 -2.91 -3.02
O7N NDP C . 4.83 -2.49 -3.32
N7N NDP C . 6.63 -3.50 -3.92
C4N NDP C . 5.58 -2.07 -0.74
C5N NDP C . 6.15 -1.70 0.50
C6N NDP C . 7.45 -1.88 0.88
P2B NDP C . 9.86 -2.19 15.00
O1X NDP C . 8.83 -2.50 16.00
O2X NDP C . 10.96 -3.38 14.66
O3X NDP C . 10.58 -0.78 15.31
S SO4 D . 7.88 -2.63 7.13
O1 SO4 D . 7.72 -1.47 6.28
O2 SO4 D . 8.60 -3.76 6.46
O3 SO4 D . 8.71 -2.27 8.31
O4 SO4 D . 6.60 -3.19 7.55
S SO4 E . 9.86 -1.36 14.71
O1 SO4 E . 9.51 -1.47 13.26
O2 SO4 E . 8.69 -1.61 15.62
O3 SO4 E . 10.43 -0.02 14.86
O4 SO4 E . 10.91 -2.35 14.95
#